data_6W7D
#
_entry.id   6W7D
#
_cell.length_a   67.306
_cell.length_b   122.652
_cell.length_c   126.127
_cell.angle_alpha   90
_cell.angle_beta   90
_cell.angle_gamma   90
#
_symmetry.space_group_name_H-M   'P 21 21 21'
#
loop_
_entity.id
_entity.type
_entity.pdbx_description
1 polymer 'Potassium channel subfamily K member 2'
2 non-polymer N-OCTANE
3 non-polymer DODECANE
4 non-polymer 'CADMIUM ION'
5 non-polymer 'POTASSIUM ION'
6 non-polymer 'PENTAETHYLENE GLYCOL'
7 non-polymer PENTANE
8 non-polymer HEXADECANE
#
_entity_poly.entity_id   1
_entity_poly.type   'polypeptide(L)'
_entity_poly.pdbx_seq_one_letter_code
;MSFSSKPTVLASRVESDSAINVMKWKTVSTIFLVVVLYLIIGATVFKALEQPQEISQRTTIVIQREKFLRAHPCVSDQEL
DELIQQIVAAINAGIIPLGASSNQVSHWDLGSSFFFAGTVITTIGFGNISPRTEGGKIFCIIYALLGIPLFGFLLAGVGD
QLGTIFGKGIAKVEDTFIKWNVSQTKIRIISTIIFILFGCVLFVALPAVIFKHIEGWSALDAIYFVVITLTTIGFGDYVA
GGSDIEYLDFYKPVVWFWILVGLAYFAAVLSMIGDWLRVIAKKTKEAVGEFRAHAAEWTANVTSNSLEVLFQ
;
_entity_poly.pdbx_strand_id   A,B
#
loop_
_chem_comp.id
_chem_comp.type
_chem_comp.name
_chem_comp.formula
1PE non-polymer 'PENTAETHYLENE GLYCOL' 'C10 H22 O6'
CD non-polymer 'CADMIUM ION' 'Cd 2'
D12 non-polymer DODECANE 'C12 H26'
K non-polymer 'POTASSIUM ION' 'K 1'
LNK non-polymer PENTANE 'C5 H12'
OCT non-polymer N-OCTANE 'C8 H18'
R16 non-polymer HEXADECANE 'C16 H34'
#
# COMPACT_ATOMS: atom_id res chain seq x y z
N LYS A 24 16.21 -19.24 19.93
CA LYS A 24 16.76 -18.38 20.97
C LYS A 24 17.22 -17.06 20.39
N TRP A 25 18.36 -17.11 19.70
CA TRP A 25 18.94 -15.96 19.03
C TRP A 25 17.91 -15.15 18.26
N LYS A 26 17.77 -13.88 18.63
CA LYS A 26 16.69 -13.04 18.13
C LYS A 26 16.89 -12.69 16.66
N THR A 27 17.96 -11.96 16.35
CA THR A 27 18.36 -11.61 14.98
C THR A 27 17.36 -10.66 14.34
N VAL A 28 16.23 -10.41 15.02
CA VAL A 28 15.26 -9.42 14.55
C VAL A 28 15.65 -8.03 15.01
N SER A 29 16.13 -7.91 16.24
CA SER A 29 16.63 -6.65 16.76
C SER A 29 17.69 -6.05 15.83
N THR A 30 18.64 -6.88 15.39
CA THR A 30 19.68 -6.39 14.48
C THR A 30 19.07 -5.88 13.18
N ILE A 31 18.06 -6.58 12.65
CA ILE A 31 17.37 -6.09 11.46
C ILE A 31 16.62 -4.81 11.78
N PHE A 32 15.95 -4.77 12.93
CA PHE A 32 15.19 -3.60 13.35
C PHE A 32 16.03 -2.34 13.28
N LEU A 33 17.26 -2.40 13.78
CA LEU A 33 18.12 -1.22 13.80
C LEU A 33 18.58 -0.85 12.40
N VAL A 34 18.65 -1.82 11.48
CA VAL A 34 18.95 -1.50 10.09
C VAL A 34 17.80 -0.72 9.47
N VAL A 35 16.57 -1.21 9.65
CA VAL A 35 15.42 -0.54 9.07
C VAL A 35 15.26 0.86 9.63
N VAL A 36 15.38 0.99 10.96
CA VAL A 36 15.37 2.32 11.59
C VAL A 36 16.43 3.21 10.95
N LEU A 37 17.67 2.70 10.88
CA LEU A 37 18.75 3.45 10.25
C LEU A 37 18.45 3.74 8.79
N TYR A 38 17.96 2.74 8.05
CA TYR A 38 17.59 2.92 6.65
C TYR A 38 16.53 4.01 6.49
N LEU A 39 15.58 4.04 7.41
CA LEU A 39 14.56 5.08 7.38
C LEU A 39 15.14 6.45 7.74
N ILE A 40 16.14 6.48 8.61
CA ILE A 40 16.77 7.75 8.96
C ILE A 40 17.56 8.29 7.76
N ILE A 41 18.29 7.42 7.06
CA ILE A 41 18.98 7.85 5.85
C ILE A 41 17.97 8.33 4.81
N GLY A 42 16.96 7.49 4.53
CA GLY A 42 15.95 7.87 3.57
C GLY A 42 15.29 9.21 3.89
N ALA A 43 14.96 9.42 5.16
CA ALA A 43 14.35 10.67 5.59
C ALA A 43 15.24 11.87 5.23
N THR A 44 16.46 11.88 5.77
CA THR A 44 17.37 12.99 5.52
C THR A 44 17.61 13.22 4.03
N VAL A 45 17.49 12.16 3.22
CA VAL A 45 17.62 12.34 1.77
C VAL A 45 16.39 13.03 1.20
N PHE A 46 15.18 12.65 1.65
CA PHE A 46 13.98 13.22 1.06
C PHE A 46 13.85 14.72 1.38
N LYS A 47 14.09 15.11 2.63
CA LYS A 47 13.99 16.53 2.94
C LYS A 47 15.06 17.34 2.20
N ALA A 48 16.22 16.75 1.97
CA ALA A 48 17.24 17.39 1.15
C ALA A 48 16.82 17.51 -0.30
N LEU A 49 15.88 16.69 -0.75
CA LEU A 49 15.40 16.72 -2.13
C LEU A 49 14.08 17.46 -2.31
N GLU A 50 13.28 17.58 -1.26
CA GLU A 50 11.92 18.08 -1.40
C GLU A 50 11.66 19.41 -0.70
N GLN A 51 12.28 19.66 0.44
CA GLN A 51 12.05 20.92 1.16
C GLN A 51 12.57 22.12 0.37
N PRO A 52 13.62 21.99 -0.46
CA PRO A 52 13.91 23.06 -1.44
C PRO A 52 12.76 23.29 -2.41
N GLN A 53 12.34 22.23 -3.13
CA GLN A 53 11.18 22.29 -4.02
C GLN A 53 9.88 22.55 -3.27
N GLU A 54 9.88 22.45 -1.95
CA GLU A 54 8.68 22.83 -1.20
C GLU A 54 8.61 24.34 -1.02
N ILE A 55 9.71 24.94 -0.54
CA ILE A 55 9.72 26.38 -0.27
C ILE A 55 9.53 27.17 -1.55
N SER A 56 10.13 26.70 -2.66
CA SER A 56 10.03 27.41 -3.93
C SER A 56 8.58 27.56 -4.37
N GLN A 57 7.83 26.45 -4.38
CA GLN A 57 6.42 26.51 -4.73
C GLN A 57 5.64 27.45 -3.82
N ARG A 58 5.83 27.31 -2.51
CA ARG A 58 4.88 27.92 -1.59
C ARG A 58 5.18 29.39 -1.35
N THR A 59 6.36 29.85 -1.76
CA THR A 59 6.62 31.28 -1.93
C THR A 59 5.97 31.82 -3.21
N THR A 60 5.84 30.99 -4.24
CA THR A 60 5.15 31.39 -5.45
C THR A 60 3.63 31.26 -5.33
N ILE A 61 3.15 30.46 -4.38
CA ILE A 61 1.71 30.40 -4.14
C ILE A 61 1.24 31.68 -3.44
N VAL A 62 2.07 32.21 -2.54
CA VAL A 62 1.74 33.47 -1.88
C VAL A 62 1.77 34.63 -2.89
N ILE A 63 2.66 34.56 -3.88
CA ILE A 63 2.70 35.59 -4.92
C ILE A 63 1.44 35.53 -5.77
N GLN A 64 0.98 34.33 -6.12
CA GLN A 64 -0.22 34.20 -6.94
C GLN A 64 -1.46 34.65 -6.18
N ARG A 65 -1.49 34.44 -4.87
CA ARG A 65 -2.58 34.98 -4.06
C ARG A 65 -2.45 36.49 -3.96
N GLU A 66 -1.26 37.00 -3.67
CA GLU A 66 -1.07 38.43 -3.52
C GLU A 66 -1.16 39.15 -4.87
N LYS A 67 -1.02 38.42 -5.98
CA LYS A 67 -1.44 38.94 -7.28
C LYS A 67 -2.95 39.05 -7.35
N PHE A 68 -3.65 37.94 -7.06
CA PHE A 68 -5.09 37.89 -7.27
C PHE A 68 -5.84 38.90 -6.41
N LEU A 69 -5.44 39.05 -5.14
CA LEU A 69 -6.10 40.05 -4.30
C LEU A 69 -5.87 41.47 -4.81
N ARG A 70 -4.72 41.72 -5.45
CA ARG A 70 -4.48 43.03 -6.03
C ARG A 70 -5.12 43.17 -7.40
N ALA A 71 -5.17 42.07 -8.17
CA ALA A 71 -5.76 42.10 -9.50
C ALA A 71 -7.28 42.24 -9.47
N HIS A 72 -7.92 41.87 -8.37
CA HIS A 72 -9.38 41.94 -8.24
C HIS A 72 -9.72 42.34 -6.83
N PRO A 73 -9.71 43.65 -6.54
CA PRO A 73 -10.18 44.11 -5.22
C PRO A 73 -11.62 43.72 -4.93
N CYS A 74 -12.36 43.31 -5.96
CA CYS A 74 -13.70 42.76 -5.78
C CYS A 74 -13.70 41.64 -4.73
N VAL A 75 -12.66 40.82 -4.74
CA VAL A 75 -12.44 39.77 -3.76
C VAL A 75 -11.42 40.28 -2.74
N SER A 76 -11.56 39.86 -1.48
CA SER A 76 -10.67 40.34 -0.43
C SER A 76 -10.29 39.18 0.49
N ASP A 77 -9.49 39.52 1.50
CA ASP A 77 -9.08 38.55 2.53
C ASP A 77 -10.26 37.78 3.09
N GLN A 78 -11.29 38.49 3.57
CA GLN A 78 -12.35 37.82 4.31
C GLN A 78 -13.24 36.99 3.39
N GLU A 79 -13.37 37.39 2.12
CA GLU A 79 -14.00 36.51 1.13
C GLU A 79 -13.15 35.29 0.84
N LEU A 80 -11.88 35.50 0.48
CA LEU A 80 -11.09 34.44 -0.15
C LEU A 80 -10.91 33.24 0.76
N ASP A 81 -10.77 33.48 2.07
CA ASP A 81 -10.58 32.35 2.98
C ASP A 81 -11.80 31.45 2.98
N GLU A 82 -12.99 32.06 2.90
CA GLU A 82 -14.22 31.29 2.71
C GLU A 82 -14.19 30.50 1.41
N LEU A 83 -13.56 31.06 0.36
CA LEU A 83 -13.43 30.32 -0.88
C LEU A 83 -12.44 29.17 -0.74
N ILE A 84 -11.37 29.36 0.04
CA ILE A 84 -10.44 28.27 0.30
C ILE A 84 -11.10 27.18 1.13
N GLN A 85 -11.86 27.58 2.15
CA GLN A 85 -12.52 26.61 3.03
C GLN A 85 -13.53 25.76 2.26
N GLN A 86 -14.31 26.39 1.39
CA GLN A 86 -15.30 25.64 0.62
C GLN A 86 -14.66 24.80 -0.47
N ILE A 87 -13.41 25.06 -0.83
CA ILE A 87 -12.68 24.12 -1.67
C ILE A 87 -12.12 22.98 -0.82
N VAL A 88 -11.66 23.29 0.39
CA VAL A 88 -11.22 22.24 1.31
C VAL A 88 -12.40 21.36 1.70
N ALA A 89 -13.57 21.96 1.96
CA ALA A 89 -14.76 21.17 2.18
C ALA A 89 -15.13 20.35 0.95
N ALA A 90 -14.77 20.84 -0.23
CA ALA A 90 -15.02 20.09 -1.46
C ALA A 90 -14.02 18.95 -1.62
N ILE A 91 -12.77 19.15 -1.16
CA ILE A 91 -11.71 18.15 -1.32
C ILE A 91 -12.17 16.78 -0.87
N ASN A 92 -12.85 16.70 0.27
CA ASN A 92 -13.24 15.42 0.83
C ASN A 92 -14.10 14.63 -0.14
N ALA A 93 -14.92 15.30 -0.94
CA ALA A 93 -15.64 14.68 -2.05
C ALA A 93 -14.93 14.89 -3.38
N GLY A 94 -14.62 16.14 -3.72
CA GLY A 94 -13.92 16.46 -4.95
C GLY A 94 -13.60 17.93 -5.10
N SER A 106 -18.89 11.98 -13.37
CA SER A 106 -19.42 11.45 -12.13
C SER A 106 -18.56 10.33 -11.57
N HIS A 107 -18.04 10.53 -10.37
CA HIS A 107 -17.33 9.46 -9.69
C HIS A 107 -18.33 8.38 -9.27
N TRP A 108 -17.79 7.26 -8.79
CA TRP A 108 -18.59 6.12 -8.34
C TRP A 108 -19.58 5.65 -9.40
N ASP A 109 -19.27 5.88 -10.68
CA ASP A 109 -20.16 5.41 -11.74
C ASP A 109 -20.01 3.89 -11.85
N LEU A 110 -20.65 3.31 -12.87
CA LEU A 110 -20.63 1.86 -13.03
C LEU A 110 -19.21 1.31 -13.11
N GLY A 111 -18.26 2.12 -13.57
CA GLY A 111 -16.88 1.69 -13.70
C GLY A 111 -15.97 2.15 -12.57
N SER A 112 -16.07 3.42 -12.18
CA SER A 112 -15.15 3.97 -11.19
C SER A 112 -15.26 3.30 -9.82
N SER A 113 -16.32 2.53 -9.58
CA SER A 113 -16.43 1.76 -8.35
C SER A 113 -15.74 0.41 -8.44
N PHE A 114 -15.64 -0.15 -9.65
CA PHE A 114 -14.86 -1.34 -9.95
C PHE A 114 -13.39 -1.05 -10.20
N PHE A 115 -13.04 0.16 -10.64
CA PHE A 115 -11.67 0.61 -10.43
C PHE A 115 -11.31 0.63 -8.96
N PHE A 116 -12.16 1.27 -8.14
CA PHE A 116 -11.94 1.35 -6.71
C PHE A 116 -11.79 -0.04 -6.09
N ALA A 117 -12.71 -0.96 -6.41
CA ALA A 117 -12.62 -2.31 -5.87
C ALA A 117 -11.33 -2.99 -6.30
N GLY A 118 -10.88 -2.75 -7.53
CA GLY A 118 -9.61 -3.28 -7.97
C GLY A 118 -8.43 -2.76 -7.16
N THR A 119 -8.53 -1.52 -6.68
CA THR A 119 -7.48 -0.97 -5.82
C THR A 119 -7.47 -1.66 -4.47
N VAL A 120 -8.65 -1.89 -3.89
CA VAL A 120 -8.73 -2.36 -2.51
C VAL A 120 -8.22 -3.80 -2.38
N ILE A 121 -8.54 -4.66 -3.34
CA ILE A 121 -8.10 -6.05 -3.23
C ILE A 121 -6.63 -6.20 -3.58
N THR A 122 -6.14 -5.41 -4.54
CA THR A 122 -4.71 -5.40 -4.83
C THR A 122 -3.91 -4.65 -3.78
N THR A 123 -4.58 -3.94 -2.87
CA THR A 123 -3.98 -3.07 -1.86
C THR A 123 -3.12 -1.96 -2.47
N ILE A 124 -3.21 -1.74 -3.79
CA ILE A 124 -2.66 -0.53 -4.38
C ILE A 124 -3.30 0.68 -3.74
N GLY A 125 -4.62 0.73 -3.73
CA GLY A 125 -5.40 1.69 -2.97
C GLY A 125 -5.02 3.14 -3.19
N PHE A 126 -5.10 3.62 -4.43
CA PHE A 126 -5.04 5.06 -4.65
C PHE A 126 -6.11 5.77 -3.85
N GLY A 127 -5.69 6.67 -2.96
CA GLY A 127 -6.61 7.45 -2.17
C GLY A 127 -7.27 8.56 -2.96
N ASN A 128 -7.25 8.42 -4.29
CA ASN A 128 -7.94 9.37 -5.16
C ASN A 128 -9.43 9.45 -4.83
N ILE A 129 -10.06 8.30 -4.59
CA ILE A 129 -11.46 8.24 -4.17
C ILE A 129 -11.59 7.22 -3.06
N SER A 130 -12.22 7.63 -1.95
CA SER A 130 -12.46 6.77 -0.80
C SER A 130 -13.90 6.90 -0.36
N PRO A 131 -14.49 5.82 0.18
CA PRO A 131 -15.92 5.86 0.49
C PRO A 131 -16.22 6.75 1.69
N ARG A 132 -17.32 7.50 1.59
CA ARG A 132 -17.74 8.41 2.63
C ARG A 132 -18.89 7.86 3.47
N THR A 133 -19.71 7.00 2.88
CA THR A 133 -20.85 6.42 3.60
C THR A 133 -20.37 5.46 4.69
N GLU A 134 -21.11 5.42 5.79
CA GLU A 134 -20.80 4.46 6.85
C GLU A 134 -20.97 3.03 6.35
N GLY A 135 -21.98 2.79 5.50
CA GLY A 135 -22.13 1.47 4.92
C GLY A 135 -21.04 1.12 3.92
N GLY A 136 -20.54 2.13 3.20
CA GLY A 136 -19.43 1.88 2.29
C GLY A 136 -18.13 1.58 2.99
N LYS A 137 -17.99 2.05 4.24
CA LYS A 137 -16.80 1.73 5.03
C LYS A 137 -16.91 0.33 5.63
N ILE A 138 -18.06 -0.02 6.17
CA ILE A 138 -18.25 -1.35 6.77
C ILE A 138 -18.22 -2.41 5.67
N PHE A 139 -18.71 -2.07 4.47
CA PHE A 139 -18.57 -2.99 3.34
C PHE A 139 -17.12 -3.11 2.90
N CYS A 140 -16.43 -1.97 2.77
CA CYS A 140 -15.04 -1.98 2.29
C CYS A 140 -14.13 -2.76 3.22
N ILE A 141 -14.32 -2.63 4.53
CA ILE A 141 -13.54 -3.41 5.49
C ILE A 141 -13.69 -4.90 5.19
N ILE A 142 -14.93 -5.38 5.15
CA ILE A 142 -15.17 -6.78 4.86
C ILE A 142 -14.76 -7.11 3.42
N TYR A 143 -14.98 -6.18 2.49
CA TYR A 143 -14.62 -6.42 1.10
C TYR A 143 -13.12 -6.58 0.95
N ALA A 144 -12.33 -5.86 1.75
CA ALA A 144 -10.89 -6.03 1.75
C ALA A 144 -10.47 -7.30 2.48
N LEU A 145 -11.02 -7.52 3.68
CA LEU A 145 -10.65 -8.71 4.46
C LEU A 145 -10.92 -10.00 3.68
N LEU A 146 -11.87 -9.97 2.76
CA LEU A 146 -12.15 -11.13 1.91
C LEU A 146 -11.45 -11.04 0.56
N GLY A 147 -11.39 -9.85 -0.04
CA GLY A 147 -10.82 -9.69 -1.36
C GLY A 147 -9.31 -9.77 -1.43
N ILE A 148 -8.62 -9.27 -0.40
CA ILE A 148 -7.16 -9.32 -0.40
C ILE A 148 -6.64 -10.76 -0.42
N PRO A 149 -7.10 -11.66 0.45
CA PRO A 149 -6.65 -13.07 0.32
C PRO A 149 -7.12 -13.71 -0.98
N LEU A 150 -8.38 -13.47 -1.36
CA LEU A 150 -8.91 -13.94 -2.65
C LEU A 150 -8.00 -13.56 -3.80
N PHE A 151 -7.75 -12.26 -3.96
CA PHE A 151 -6.89 -11.80 -5.05
C PHE A 151 -5.51 -12.42 -4.97
N GLY A 152 -5.03 -12.67 -3.75
CA GLY A 152 -3.73 -13.30 -3.57
C GLY A 152 -3.59 -14.61 -4.31
N PHE A 153 -4.61 -15.46 -4.22
CA PHE A 153 -4.54 -16.76 -4.90
C PHE A 153 -4.57 -16.59 -6.41
N LEU A 154 -5.31 -15.59 -6.92
CA LEU A 154 -5.22 -15.25 -8.33
C LEU A 154 -3.80 -14.83 -8.69
N LEU A 155 -3.25 -13.87 -7.94
CA LEU A 155 -1.91 -13.38 -8.22
C LEU A 155 -0.87 -14.49 -8.05
N ALA A 156 -1.08 -15.39 -7.09
CA ALA A 156 -0.18 -16.52 -6.90
C ALA A 156 -0.21 -17.45 -8.12
N GLY A 157 -1.41 -17.78 -8.58
CA GLY A 157 -1.52 -18.63 -9.76
C GLY A 157 -0.97 -17.97 -11.01
N VAL A 158 -1.24 -16.66 -11.17
CA VAL A 158 -0.65 -15.91 -12.26
C VAL A 158 0.86 -15.87 -12.15
N GLY A 159 1.38 -15.83 -10.91
CA GLY A 159 2.82 -15.89 -10.73
C GLY A 159 3.40 -17.24 -11.12
N ASP A 160 2.71 -18.33 -10.75
CA ASP A 160 3.14 -19.66 -11.17
C ASP A 160 2.91 -19.88 -12.65
N GLN A 161 1.78 -19.39 -13.18
CA GLN A 161 1.53 -19.48 -14.62
C GLN A 161 2.61 -18.75 -15.41
N LEU A 162 2.96 -17.55 -14.97
CA LEU A 162 4.00 -16.76 -15.62
C LEU A 162 5.40 -17.28 -15.28
N GLY A 163 5.56 -17.98 -14.16
CA GLY A 163 6.86 -18.56 -13.83
C GLY A 163 7.21 -19.74 -14.69
N THR A 164 6.20 -20.48 -15.16
CA THR A 164 6.44 -21.57 -16.09
C THR A 164 6.55 -21.06 -17.52
N ILE A 165 5.84 -19.98 -17.87
CA ILE A 165 6.05 -19.32 -19.16
C ILE A 165 7.49 -18.82 -19.26
N PHE A 166 7.97 -18.16 -18.20
CA PHE A 166 9.37 -17.81 -18.13
C PHE A 166 10.24 -19.07 -18.05
N GLY A 167 9.72 -20.15 -17.47
CA GLY A 167 10.44 -21.40 -17.45
C GLY A 167 10.55 -22.05 -18.83
N LYS A 168 9.56 -21.82 -19.69
CA LYS A 168 9.65 -22.29 -21.07
C LYS A 168 10.76 -21.55 -21.82
N GLY A 169 10.74 -20.23 -21.76
CA GLY A 169 11.69 -19.45 -22.55
C GLY A 169 13.13 -19.67 -22.17
N ILE A 170 13.39 -19.95 -20.89
CA ILE A 170 14.78 -20.16 -20.47
C ILE A 170 15.26 -21.53 -20.90
N ALA A 171 14.37 -22.53 -21.00
CA ALA A 171 14.78 -23.87 -21.38
C ALA A 171 15.42 -23.89 -22.76
N LYS A 172 14.89 -23.09 -23.69
CA LYS A 172 15.49 -22.99 -25.01
C LYS A 172 16.75 -22.12 -25.01
N VAL A 173 16.78 -21.08 -24.17
CA VAL A 173 18.00 -20.29 -24.05
C VAL A 173 19.09 -21.09 -23.35
N GLU A 174 18.71 -22.02 -22.46
CA GLU A 174 19.67 -22.85 -21.76
C GLU A 174 20.27 -23.96 -22.62
N ASP A 175 19.95 -24.00 -23.92
CA ASP A 175 20.60 -24.92 -24.84
C ASP A 175 21.29 -24.22 -25.99
N THR A 176 20.96 -22.96 -26.29
CA THR A 176 21.52 -22.31 -27.47
C THR A 176 22.99 -21.93 -27.28
N PHE A 177 23.39 -21.56 -26.05
CA PHE A 177 24.79 -21.24 -25.83
C PHE A 177 25.30 -21.66 -24.44
N ILE A 178 24.63 -22.59 -23.77
CA ILE A 178 25.14 -23.04 -22.49
C ILE A 178 26.13 -24.20 -22.67
N LYS A 179 25.97 -24.98 -23.73
CA LYS A 179 26.99 -25.96 -24.09
C LYS A 179 28.20 -25.26 -24.71
N TRP A 180 27.96 -24.24 -25.52
CA TRP A 180 29.03 -23.47 -26.13
C TRP A 180 29.76 -22.66 -25.06
N ASN A 181 31.09 -22.65 -25.15
CA ASN A 181 32.02 -22.32 -24.04
C ASN A 181 31.39 -22.35 -22.65
N THR A 185 27.86 -21.64 -12.39
CA THR A 185 27.28 -20.72 -11.43
C THR A 185 27.16 -19.30 -11.99
N LYS A 186 27.87 -19.03 -13.10
CA LYS A 186 27.79 -17.72 -13.72
C LYS A 186 26.74 -17.66 -14.83
N ILE A 187 26.35 -18.80 -15.41
CA ILE A 187 25.23 -18.83 -16.33
C ILE A 187 23.97 -18.29 -15.66
N ARG A 188 23.81 -18.58 -14.36
CA ARG A 188 22.62 -18.16 -13.64
C ARG A 188 22.48 -16.64 -13.59
N ILE A 189 23.58 -15.92 -13.83
CA ILE A 189 23.53 -14.46 -13.88
C ILE A 189 23.03 -13.99 -15.23
N ILE A 190 23.51 -14.58 -16.33
CA ILE A 190 23.01 -14.22 -17.66
C ILE A 190 21.51 -14.42 -17.74
N SER A 191 21.00 -15.47 -17.10
CA SER A 191 19.56 -15.72 -17.12
C SER A 191 18.80 -14.62 -16.39
N THR A 192 19.26 -14.23 -15.20
CA THR A 192 18.60 -13.17 -14.45
C THR A 192 18.82 -11.80 -15.07
N ILE A 193 19.82 -11.64 -15.93
CA ILE A 193 19.95 -10.40 -16.69
C ILE A 193 18.88 -10.33 -17.77
N ILE A 194 18.62 -11.45 -18.45
CA ILE A 194 17.59 -11.48 -19.48
C ILE A 194 16.21 -11.33 -18.84
N PHE A 195 16.04 -11.78 -17.60
CA PHE A 195 14.79 -11.55 -16.87
C PHE A 195 14.51 -10.06 -16.71
N ILE A 196 15.45 -9.35 -16.08
CA ILE A 196 15.27 -7.91 -15.84
C ILE A 196 15.16 -7.17 -17.17
N LEU A 197 16.06 -7.48 -18.10
CA LEU A 197 16.00 -6.93 -19.45
C LEU A 197 14.61 -7.07 -20.05
N PHE A 198 14.11 -8.30 -20.12
CA PHE A 198 12.90 -8.58 -20.88
C PHE A 198 11.67 -8.12 -20.12
N GLY A 199 11.66 -8.33 -18.80
CA GLY A 199 10.50 -7.94 -18.01
C GLY A 199 10.32 -6.44 -17.88
N CYS A 200 11.41 -5.71 -17.69
CA CYS A 200 11.34 -4.25 -17.61
C CYS A 200 11.16 -3.60 -18.97
N VAL A 201 10.88 -4.38 -20.00
CA VAL A 201 10.33 -3.87 -21.26
C VAL A 201 8.85 -4.22 -21.38
N LEU A 202 8.50 -5.46 -21.05
CA LEU A 202 7.12 -5.91 -21.19
C LEU A 202 6.19 -5.30 -20.14
N PHE A 203 6.70 -4.96 -18.95
CA PHE A 203 5.85 -4.50 -17.88
C PHE A 203 6.14 -3.08 -17.43
N VAL A 204 7.20 -2.46 -17.95
CA VAL A 204 7.54 -1.07 -17.66
C VAL A 204 7.46 -0.21 -18.91
N ALA A 205 8.23 -0.57 -19.94
CA ALA A 205 8.37 0.30 -21.11
C ALA A 205 7.18 0.18 -22.07
N LEU A 206 6.95 -1.02 -22.61
CA LEU A 206 5.91 -1.20 -23.64
C LEU A 206 4.53 -0.76 -23.17
N PRO A 207 4.03 -1.16 -22.00
CA PRO A 207 2.67 -0.72 -21.65
C PRO A 207 2.57 0.75 -21.31
N ALA A 208 3.68 1.39 -20.90
CA ALA A 208 3.69 2.63 -20.12
C ALA A 208 2.60 3.63 -20.46
N VAL A 209 2.23 3.74 -21.74
CA VAL A 209 1.30 4.78 -22.18
C VAL A 209 -0.17 4.38 -22.10
N ILE A 210 -0.48 3.10 -21.98
CA ILE A 210 -1.83 2.58 -22.18
C ILE A 210 -2.72 3.07 -21.03
N PHE A 211 -2.45 2.57 -19.82
CA PHE A 211 -2.61 3.35 -18.58
C PHE A 211 -3.77 4.33 -18.40
N TRP A 217 4.00 9.85 -20.38
CA TRP A 217 4.21 11.18 -19.83
C TRP A 217 5.58 11.60 -20.34
N SER A 218 6.55 11.58 -19.42
CA SER A 218 7.97 11.61 -19.72
C SER A 218 8.56 10.19 -19.53
N ALA A 219 9.88 10.07 -19.59
CA ALA A 219 10.51 8.79 -19.36
C ALA A 219 10.50 8.40 -17.88
N LEU A 220 10.98 9.30 -17.01
CA LEU A 220 10.93 9.07 -15.57
C LEU A 220 9.50 8.87 -15.08
N ASP A 221 8.61 9.79 -15.43
CA ASP A 221 7.27 9.81 -14.84
C ASP A 221 6.48 8.55 -15.14
N ALA A 222 6.81 7.85 -16.23
CA ALA A 222 6.19 6.55 -16.47
C ALA A 222 6.81 5.47 -15.59
N ILE A 223 8.14 5.39 -15.55
CA ILE A 223 8.81 4.40 -14.73
C ILE A 223 8.49 4.62 -13.26
N TYR A 224 8.51 5.87 -12.81
CA TYR A 224 8.06 6.19 -11.46
C TYR A 224 6.63 5.71 -11.23
N PHE A 225 5.74 6.00 -12.18
CA PHE A 225 4.37 5.51 -12.07
C PHE A 225 4.33 3.99 -11.96
N VAL A 226 5.06 3.30 -12.85
CA VAL A 226 5.02 1.84 -12.87
C VAL A 226 5.46 1.26 -11.54
N VAL A 227 6.61 1.70 -11.04
CA VAL A 227 7.16 1.15 -9.80
C VAL A 227 6.22 1.43 -8.63
N ILE A 228 5.77 2.69 -8.49
CA ILE A 228 4.85 3.04 -7.41
C ILE A 228 3.60 2.16 -7.45
N THR A 229 3.07 1.91 -8.64
CA THR A 229 1.83 1.15 -8.74
C THR A 229 2.05 -0.34 -8.50
N LEU A 230 3.05 -0.93 -9.17
CA LEU A 230 3.20 -2.38 -9.14
C LEU A 230 3.95 -2.86 -7.90
N THR A 231 4.65 -1.98 -7.19
CA THR A 231 5.07 -2.29 -5.83
C THR A 231 3.93 -2.13 -4.83
N THR A 232 2.73 -1.82 -5.31
CA THR A 232 1.52 -1.67 -4.48
C THR A 232 1.63 -0.51 -3.49
N ILE A 233 2.33 0.56 -3.87
CA ILE A 233 2.40 1.75 -3.02
C ILE A 233 1.27 2.72 -3.34
N GLY A 234 1.14 3.10 -4.62
CA GLY A 234 -0.04 3.78 -5.11
C GLY A 234 -0.34 5.14 -4.50
N PHE A 235 0.48 6.14 -4.80
CA PHE A 235 0.22 7.51 -4.37
C PHE A 235 -0.94 8.13 -5.17
N LEU A 248 -12.42 -7.96 -26.35
CA LEU A 248 -13.59 -8.29 -27.15
C LEU A 248 -14.48 -7.05 -27.27
N ASP A 249 -14.33 -6.14 -26.31
CA ASP A 249 -15.13 -4.92 -26.30
C ASP A 249 -14.33 -3.89 -25.50
N PHE A 250 -15.01 -2.95 -24.84
CA PHE A 250 -14.57 -1.58 -24.52
C PHE A 250 -13.12 -1.43 -24.05
N TYR A 251 -12.59 -0.21 -24.04
CA TYR A 251 -11.21 0.03 -23.57
C TYR A 251 -10.84 -0.48 -22.19
N LYS A 252 -11.78 -0.98 -21.41
CA LYS A 252 -11.47 -1.23 -19.99
C LYS A 252 -10.69 -2.53 -19.68
N PRO A 253 -11.06 -3.70 -20.23
CA PRO A 253 -10.51 -4.95 -19.66
C PRO A 253 -9.00 -5.13 -19.78
N VAL A 254 -8.39 -4.74 -20.89
CA VAL A 254 -7.01 -5.16 -21.15
C VAL A 254 -6.03 -4.47 -20.21
N VAL A 255 -6.28 -3.20 -19.88
CA VAL A 255 -5.38 -2.48 -18.99
C VAL A 255 -5.27 -3.18 -17.65
N TRP A 256 -6.36 -3.77 -17.18
CA TRP A 256 -6.34 -4.32 -15.83
C TRP A 256 -5.57 -5.63 -15.78
N PHE A 257 -5.16 -6.21 -16.91
CA PHE A 257 -4.43 -7.46 -16.82
C PHE A 257 -2.94 -7.18 -16.77
N TRP A 258 -2.52 -6.05 -17.36
CA TRP A 258 -1.15 -5.58 -17.16
CA TRP A 258 -1.15 -5.58 -17.16
C TRP A 258 -0.84 -5.43 -15.67
N ILE A 259 -1.78 -4.86 -14.91
CA ILE A 259 -1.66 -4.80 -13.47
C ILE A 259 -1.44 -6.20 -12.92
N LEU A 260 -2.37 -7.11 -13.23
CA LEU A 260 -2.33 -8.46 -12.69
C LEU A 260 -1.00 -9.15 -12.99
N VAL A 261 -0.50 -9.02 -14.22
CA VAL A 261 0.73 -9.72 -14.58
C VAL A 261 1.94 -8.90 -14.13
N GLY A 262 1.83 -7.58 -14.18
CA GLY A 262 2.90 -6.73 -13.67
C GLY A 262 3.07 -6.84 -12.17
N LEU A 263 1.97 -6.99 -11.43
CA LEU A 263 2.07 -7.27 -10.00
C LEU A 263 2.75 -8.61 -9.75
N ALA A 264 2.41 -9.62 -10.55
CA ALA A 264 3.14 -10.88 -10.49
C ALA A 264 4.61 -10.69 -10.82
N TYR A 265 4.92 -9.72 -11.69
CA TYR A 265 6.30 -9.49 -12.09
C TYR A 265 7.13 -8.89 -10.95
N PHE A 266 6.68 -7.74 -10.41
CA PHE A 266 7.43 -7.16 -9.29
C PHE A 266 7.41 -8.05 -8.05
N ALA A 267 6.37 -8.86 -7.89
CA ALA A 267 6.38 -9.82 -6.79
C ALA A 267 7.61 -10.70 -6.84
N ALA A 268 7.99 -11.14 -8.04
CA ALA A 268 9.24 -11.88 -8.21
C ALA A 268 10.44 -10.94 -8.13
N VAL A 269 10.32 -9.74 -8.69
CA VAL A 269 11.42 -8.77 -8.65
C VAL A 269 11.76 -8.42 -7.21
N LEU A 270 10.75 -8.12 -6.41
CA LEU A 270 11.00 -7.78 -5.00
C LEU A 270 11.53 -8.97 -4.22
N SER A 271 11.11 -10.18 -4.57
CA SER A 271 11.61 -11.37 -3.87
C SER A 271 13.04 -11.68 -4.28
N MET A 272 13.36 -11.52 -5.57
CA MET A 272 14.75 -11.65 -6.03
C MET A 272 15.66 -10.68 -5.30
N ILE A 273 15.25 -9.42 -5.17
CA ILE A 273 16.02 -8.45 -4.42
C ILE A 273 16.17 -8.89 -2.97
N GLY A 274 15.11 -9.50 -2.41
CA GLY A 274 15.23 -10.08 -1.08
C GLY A 274 16.30 -11.17 -1.02
N ASP A 275 16.40 -11.97 -2.07
CA ASP A 275 17.45 -12.99 -2.11
C ASP A 275 18.83 -12.36 -2.19
N TRP A 276 18.97 -11.24 -2.91
CA TRP A 276 20.28 -10.59 -2.96
C TRP A 276 20.63 -9.97 -1.61
N LEU A 277 19.62 -9.46 -0.90
CA LEU A 277 19.85 -8.92 0.44
C LEU A 277 20.24 -10.02 1.41
N ARG A 278 19.68 -11.22 1.26
CA ARG A 278 20.08 -12.34 2.09
C ARG A 278 21.53 -12.74 1.81
N VAL A 279 21.93 -12.74 0.54
CA VAL A 279 23.32 -12.99 0.19
C VAL A 279 24.22 -11.94 0.82
N ILE A 280 23.97 -10.66 0.51
CA ILE A 280 24.81 -9.57 0.97
C ILE A 280 24.80 -9.45 2.49
N ALA A 281 23.79 -10.01 3.15
CA ALA A 281 23.83 -10.10 4.61
C ALA A 281 24.86 -11.10 5.07
N LYS A 282 24.85 -12.31 4.48
CA LYS A 282 25.80 -13.35 4.87
C LYS A 282 27.21 -13.02 4.42
N LYS A 283 27.37 -12.36 3.27
CA LYS A 283 28.70 -11.95 2.82
C LYS A 283 29.32 -10.97 3.80
N THR A 284 28.54 -9.99 4.27
CA THR A 284 29.03 -9.04 5.25
C THR A 284 29.05 -9.62 6.65
N LYS A 285 28.22 -10.64 6.92
CA LYS A 285 28.23 -11.30 8.22
C LYS A 285 29.57 -12.00 8.44
N GLU A 286 30.05 -12.74 7.44
CA GLU A 286 31.33 -13.41 7.54
C GLU A 286 32.51 -12.46 7.42
N ALA A 287 32.33 -11.34 6.72
CA ALA A 287 33.43 -10.38 6.54
C ALA A 287 33.82 -9.76 7.87
N VAL A 288 32.84 -9.25 8.61
CA VAL A 288 33.12 -8.77 9.97
C VAL A 288 33.61 -9.93 10.84
N GLY A 289 33.19 -11.15 10.52
CA GLY A 289 33.71 -12.32 11.22
C GLY A 289 35.22 -12.41 11.18
N GLU A 290 35.81 -12.26 9.98
CA GLU A 290 37.26 -12.29 9.88
C GLU A 290 37.89 -11.06 10.53
N PHE A 291 37.27 -9.89 10.36
CA PHE A 291 37.88 -8.66 10.87
C PHE A 291 37.96 -8.64 12.38
N ARG A 292 36.98 -9.21 13.07
CA ARG A 292 37.12 -9.37 14.51
C ARG A 292 38.09 -10.48 14.88
N ALA A 293 38.34 -11.44 13.99
CA ALA A 293 39.37 -12.45 14.26
C ALA A 293 40.77 -11.84 14.21
N HIS A 294 41.05 -11.01 13.21
CA HIS A 294 42.39 -10.44 13.07
C HIS A 294 42.61 -9.32 14.08
N ALA A 295 41.58 -8.52 14.36
CA ALA A 295 41.70 -7.46 15.33
C ALA A 295 41.88 -8.00 16.75
N ALA A 296 41.54 -9.26 17.00
CA ALA A 296 41.76 -9.84 18.31
C ALA A 296 43.17 -10.40 18.42
N GLU A 297 43.55 -11.27 17.47
CA GLU A 297 44.94 -11.67 17.33
C GLU A 297 45.88 -10.48 17.23
N TRP A 298 45.38 -9.31 16.86
CA TRP A 298 46.25 -8.15 16.77
C TRP A 298 46.55 -7.64 18.17
N THR A 299 45.51 -7.61 19.02
CA THR A 299 45.66 -7.24 20.44
C THR A 299 46.39 -8.33 21.21
N ALA A 300 46.31 -9.58 20.77
CA ALA A 300 46.98 -10.66 21.47
C ALA A 300 48.49 -10.63 21.28
N ASN A 301 48.97 -10.20 20.10
CA ASN A 301 50.41 -10.18 19.86
C ASN A 301 51.10 -9.10 20.67
N VAL A 302 50.47 -7.93 20.84
CA VAL A 302 51.05 -6.87 21.65
C VAL A 302 51.05 -7.22 23.13
N THR A 303 50.37 -8.31 23.51
CA THR A 303 50.48 -8.82 24.88
C THR A 303 51.67 -9.75 25.03
N SER A 304 51.81 -10.72 24.12
CA SER A 304 52.96 -11.62 24.17
C SER A 304 54.24 -10.91 23.75
N ASN A 305 54.18 -10.11 22.69
CA ASN A 305 55.35 -9.36 22.23
C ASN A 305 55.23 -7.89 22.60
N SER B 18 2.90 -31.55 -19.48
CA SER B 18 1.87 -30.56 -19.18
C SER B 18 0.52 -31.22 -18.92
N ALA B 19 0.49 -32.18 -18.00
CA ALA B 19 -0.77 -32.79 -17.60
C ALA B 19 -1.35 -32.13 -16.36
N ILE B 20 -0.51 -31.85 -15.36
CA ILE B 20 -0.93 -31.07 -14.21
C ILE B 20 -0.94 -29.58 -14.55
N ASN B 21 -0.15 -29.16 -15.54
CA ASN B 21 -0.15 -27.76 -15.94
C ASN B 21 -1.43 -27.38 -16.67
N VAL B 22 -2.03 -28.33 -17.40
CA VAL B 22 -3.38 -28.13 -17.89
C VAL B 22 -4.35 -28.02 -16.73
N MET B 23 -4.10 -28.78 -15.65
CA MET B 23 -4.94 -28.67 -14.46
C MET B 23 -4.68 -27.38 -13.68
N LYS B 24 -3.50 -26.77 -13.86
CA LYS B 24 -3.22 -25.50 -13.21
C LYS B 24 -4.01 -24.36 -13.85
N TRP B 25 -3.91 -24.23 -15.17
CA TRP B 25 -4.59 -23.12 -15.85
C TRP B 25 -6.09 -23.17 -15.60
N LYS B 26 -6.65 -24.38 -15.53
CA LYS B 26 -8.06 -24.54 -15.20
C LYS B 26 -8.38 -23.90 -13.86
N THR B 27 -7.53 -24.15 -12.86
CA THR B 27 -7.76 -23.59 -11.53
C THR B 27 -7.59 -22.08 -11.52
N VAL B 28 -6.63 -21.55 -12.29
CA VAL B 28 -6.38 -20.12 -12.31
C VAL B 28 -7.53 -19.40 -13.02
N SER B 29 -7.93 -19.89 -14.19
CA SER B 29 -8.99 -19.24 -14.95
C SER B 29 -10.29 -19.19 -14.16
N THR B 30 -10.61 -20.26 -13.44
CA THR B 30 -11.82 -20.25 -12.60
C THR B 30 -11.71 -19.21 -11.49
N ILE B 31 -10.50 -19.04 -10.91
CA ILE B 31 -10.31 -18.00 -9.91
C ILE B 31 -10.48 -16.62 -10.55
N PHE B 32 -9.90 -16.43 -11.74
CA PHE B 32 -10.01 -15.17 -12.46
C PHE B 32 -11.45 -14.70 -12.55
N LEU B 33 -12.36 -15.61 -12.93
CA LEU B 33 -13.76 -15.25 -13.08
C LEU B 33 -14.42 -14.96 -11.74
N VAL B 34 -13.93 -15.57 -10.66
CA VAL B 34 -14.42 -15.23 -9.33
C VAL B 34 -14.05 -13.80 -8.99
N VAL B 35 -12.77 -13.45 -9.17
CA VAL B 35 -12.31 -12.10 -8.86
C VAL B 35 -13.06 -11.07 -9.70
N VAL B 36 -13.24 -11.37 -11.00
CA VAL B 36 -14.01 -10.48 -11.86
C VAL B 36 -15.40 -10.25 -11.29
N LEU B 37 -16.12 -11.33 -11.01
CA LEU B 37 -17.46 -11.21 -10.45
C LEU B 37 -17.42 -10.59 -9.05
N TYR B 38 -16.44 -10.97 -8.23
CA TYR B 38 -16.27 -10.36 -6.92
C TYR B 38 -16.10 -8.86 -7.04
N LEU B 39 -15.38 -8.41 -8.06
CA LEU B 39 -15.21 -7.00 -8.31
C LEU B 39 -16.48 -6.37 -8.90
N ILE B 40 -17.25 -7.14 -9.68
CA ILE B 40 -18.52 -6.64 -10.18
C ILE B 40 -19.51 -6.48 -9.03
N ILE B 41 -19.56 -7.45 -8.12
CA ILE B 41 -20.41 -7.33 -6.94
C ILE B 41 -19.97 -6.12 -6.11
N GLY B 42 -18.67 -6.04 -5.82
CA GLY B 42 -18.17 -4.90 -5.06
C GLY B 42 -18.51 -3.57 -5.70
N ALA B 43 -18.33 -3.47 -7.02
CA ALA B 43 -18.64 -2.24 -7.73
C ALA B 43 -20.09 -1.82 -7.52
N THR B 44 -21.03 -2.71 -7.88
CA THR B 44 -22.45 -2.38 -7.77
C THR B 44 -22.84 -2.01 -6.35
N VAL B 45 -22.12 -2.53 -5.35
CA VAL B 45 -22.42 -2.19 -3.96
C VAL B 45 -21.96 -0.77 -3.63
N PHE B 46 -20.73 -0.43 -4.02
CA PHE B 46 -20.21 0.90 -3.69
C PHE B 46 -21.00 2.00 -4.40
N LYS B 47 -21.29 1.83 -5.69
CA LYS B 47 -22.03 2.87 -6.40
C LYS B 47 -23.45 2.99 -5.87
N ALA B 48 -23.99 1.92 -5.27
CA ALA B 48 -25.28 2.00 -4.59
C ALA B 48 -25.18 2.72 -3.25
N LEU B 49 -23.97 2.87 -2.69
CA LEU B 49 -23.78 3.46 -1.38
C LEU B 49 -23.16 4.85 -1.39
N GLU B 50 -22.48 5.22 -2.48
CA GLU B 50 -21.70 6.45 -2.55
C GLU B 50 -22.27 7.48 -3.52
N GLN B 51 -22.59 7.07 -4.77
CA GLN B 51 -23.22 8.01 -5.70
C GLN B 51 -24.53 8.63 -5.17
N PRO B 52 -25.28 8.06 -4.23
CA PRO B 52 -26.25 8.90 -3.49
C PRO B 52 -25.58 10.07 -2.79
N GLN B 53 -24.58 9.78 -1.96
CA GLN B 53 -23.80 10.81 -1.28
C GLN B 53 -22.94 11.64 -2.23
N GLU B 54 -22.72 11.19 -3.48
CA GLU B 54 -22.03 12.04 -4.42
C GLU B 54 -22.93 13.16 -4.91
N ILE B 55 -24.11 12.80 -5.43
CA ILE B 55 -25.02 13.79 -6.02
C ILE B 55 -25.42 14.83 -5.00
N SER B 56 -25.60 14.42 -3.74
CA SER B 56 -26.01 15.36 -2.70
C SER B 56 -24.97 16.46 -2.51
N GLN B 57 -23.71 16.09 -2.35
CA GLN B 57 -22.67 17.10 -2.13
C GLN B 57 -22.46 17.97 -3.38
N ARG B 58 -22.49 17.35 -4.56
CA ARG B 58 -22.23 18.04 -5.82
C ARG B 58 -23.47 18.73 -6.41
N THR B 59 -24.66 18.55 -5.82
CA THR B 59 -25.69 19.55 -6.06
C THR B 59 -25.50 20.77 -5.18
N THR B 60 -24.83 20.60 -4.03
CA THR B 60 -24.54 21.70 -3.13
C THR B 60 -23.24 22.42 -3.46
N ILE B 61 -22.33 21.80 -4.21
CA ILE B 61 -21.14 22.51 -4.66
C ILE B 61 -21.53 23.52 -5.74
N VAL B 62 -22.58 23.22 -6.52
CA VAL B 62 -23.06 24.16 -7.52
C VAL B 62 -23.79 25.32 -6.85
N ILE B 63 -24.53 25.04 -5.77
CA ILE B 63 -25.20 26.12 -5.05
C ILE B 63 -24.19 27.11 -4.49
N GLN B 64 -23.03 26.61 -4.04
CA GLN B 64 -22.01 27.49 -3.47
C GLN B 64 -21.26 28.27 -4.53
N ARG B 65 -21.12 27.71 -5.74
CA ARG B 65 -20.63 28.49 -6.88
C ARG B 65 -21.62 29.60 -7.25
N GLU B 66 -22.85 29.20 -7.63
CA GLU B 66 -23.90 30.16 -7.94
C GLU B 66 -24.27 31.07 -6.78
N LYS B 67 -23.91 30.72 -5.54
CA LYS B 67 -23.95 31.71 -4.48
C LYS B 67 -22.89 32.79 -4.71
N PHE B 68 -21.64 32.36 -4.89
CA PHE B 68 -20.54 33.28 -4.71
C PHE B 68 -20.27 34.10 -5.96
N LEU B 69 -20.80 33.66 -7.11
CA LEU B 69 -20.79 34.45 -8.34
C LEU B 69 -21.84 35.56 -8.29
N ARG B 70 -23.00 35.30 -7.69
CA ARG B 70 -23.95 36.39 -7.46
C ARG B 70 -23.44 37.30 -6.34
N ALA B 71 -22.82 36.70 -5.32
CA ALA B 71 -22.36 37.46 -4.16
C ALA B 71 -21.24 38.41 -4.52
N HIS B 72 -20.48 38.12 -5.57
CA HIS B 72 -19.36 38.96 -5.99
C HIS B 72 -19.27 38.92 -7.50
N PRO B 73 -20.12 39.68 -8.20
CA PRO B 73 -20.15 39.58 -9.66
C PRO B 73 -18.89 40.10 -10.34
N CYS B 74 -18.26 41.14 -9.78
CA CYS B 74 -17.11 41.77 -10.40
C CYS B 74 -15.83 40.95 -10.35
N VAL B 75 -15.85 39.73 -9.80
CA VAL B 75 -14.75 38.81 -10.02
C VAL B 75 -14.89 38.19 -11.41
N SER B 76 -13.77 37.70 -11.96
CA SER B 76 -13.78 37.11 -13.30
C SER B 76 -14.50 35.77 -13.27
N ASP B 77 -15.78 35.77 -13.67
CA ASP B 77 -16.57 34.55 -13.79
C ASP B 77 -15.85 33.47 -14.58
N GLN B 78 -15.44 33.80 -15.80
CA GLN B 78 -14.91 32.79 -16.71
C GLN B 78 -13.52 32.32 -16.29
N GLU B 79 -12.78 33.15 -15.55
CA GLU B 79 -11.46 32.77 -15.07
C GLU B 79 -11.46 32.34 -13.61
N LEU B 80 -12.61 32.37 -12.93
CA LEU B 80 -12.68 31.90 -11.55
C LEU B 80 -12.44 30.39 -11.47
N ASP B 81 -13.03 29.63 -12.38
CA ASP B 81 -12.79 28.19 -12.40
C ASP B 81 -11.31 27.90 -12.58
N GLU B 82 -10.61 28.73 -13.35
CA GLU B 82 -9.16 28.58 -13.50
C GLU B 82 -8.46 28.86 -12.18
N LEU B 83 -9.00 29.76 -11.36
CA LEU B 83 -8.49 29.94 -10.00
C LEU B 83 -8.78 28.73 -9.14
N ILE B 84 -9.96 28.13 -9.30
CA ILE B 84 -10.29 26.91 -8.57
C ILE B 84 -9.36 25.78 -8.98
N GLN B 85 -9.11 25.66 -10.29
CA GLN B 85 -8.26 24.58 -10.79
C GLN B 85 -6.83 24.72 -10.31
N GLN B 86 -6.31 25.95 -10.27
CA GLN B 86 -4.95 26.16 -9.78
C GLN B 86 -4.85 26.00 -8.27
N ILE B 87 -5.97 26.08 -7.55
CA ILE B 87 -5.95 25.66 -6.16
C ILE B 87 -6.00 24.14 -6.07
N VAL B 88 -6.79 23.50 -6.94
CA VAL B 88 -6.83 22.04 -6.98
C VAL B 88 -5.49 21.49 -7.47
N ALA B 89 -4.90 22.13 -8.49
CA ALA B 89 -3.55 21.75 -8.90
C ALA B 89 -2.55 21.97 -7.78
N ALA B 90 -2.84 22.90 -6.87
CA ALA B 90 -1.99 23.07 -5.70
C ALA B 90 -2.24 21.97 -4.67
N ILE B 91 -3.51 21.55 -4.51
CA ILE B 91 -3.90 20.60 -3.48
C ILE B 91 -3.02 19.36 -3.49
N ASN B 92 -2.66 18.87 -4.68
CA ASN B 92 -1.87 17.64 -4.75
C ASN B 92 -0.54 17.78 -4.00
N ALA B 93 0.04 18.98 -3.99
CA ALA B 93 1.15 19.28 -3.11
C ALA B 93 0.61 19.89 -1.81
N GLY B 94 1.43 19.82 -0.76
CA GLY B 94 0.99 20.37 0.51
C GLY B 94 0.78 21.86 0.45
N ILE B 95 -0.48 22.29 0.42
CA ILE B 95 -0.84 23.69 0.28
C ILE B 95 -1.91 24.02 1.31
N ILE B 96 -1.71 25.11 2.05
CA ILE B 96 -2.74 25.66 2.93
C ILE B 96 -2.69 27.17 2.71
N PRO B 97 -2.85 27.65 1.48
CA PRO B 97 -2.46 29.03 1.15
C PRO B 97 -3.46 30.02 1.72
N LEU B 98 -2.97 30.93 2.56
CA LEU B 98 -3.89 31.85 3.23
C LEU B 98 -3.09 33.07 3.70
N GLY B 99 -3.76 34.22 3.74
CA GLY B 99 -3.06 35.46 4.03
C GLY B 99 -2.63 35.60 5.47
N ALA B 100 -3.57 35.41 6.40
CA ALA B 100 -3.24 35.32 7.82
C ALA B 100 -2.56 33.98 8.06
N SER B 101 -1.28 34.02 8.46
CA SER B 101 -0.40 32.84 8.53
C SER B 101 0.01 32.38 7.13
N SER B 102 0.38 33.35 6.29
CA SER B 102 1.05 33.02 5.03
C SER B 102 2.41 32.36 5.28
N ASN B 103 3.03 32.68 6.42
CA ASN B 103 4.16 31.90 6.91
C ASN B 103 3.70 30.51 7.35
N GLN B 104 4.44 29.49 6.91
CA GLN B 104 3.93 28.13 6.85
C GLN B 104 4.98 27.16 7.43
N VAL B 105 4.64 25.87 7.41
CA VAL B 105 5.46 24.83 8.02
C VAL B 105 5.66 23.72 6.99
N SER B 106 6.72 22.93 7.20
CA SER B 106 7.19 21.98 6.20
C SER B 106 6.44 20.65 6.30
N HIS B 107 5.88 20.21 5.16
CA HIS B 107 5.43 18.84 5.00
C HIS B 107 6.57 17.88 4.70
N TRP B 108 7.79 18.38 4.56
CA TRP B 108 8.98 17.56 4.39
C TRP B 108 9.99 17.86 5.49
N ASP B 109 9.51 18.11 6.70
CA ASP B 109 10.40 18.44 7.80
C ASP B 109 11.18 17.19 8.22
N LEU B 110 11.96 17.33 9.30
CA LEU B 110 12.83 16.25 9.75
C LEU B 110 12.06 14.97 10.03
N GLY B 111 10.78 15.08 10.38
CA GLY B 111 9.98 13.91 10.68
C GLY B 111 9.08 13.45 9.55
N SER B 112 8.38 14.39 8.91
CA SER B 112 7.40 14.02 7.89
C SER B 112 8.02 13.34 6.68
N SER B 113 9.34 13.40 6.52
CA SER B 113 10.01 12.64 5.46
C SER B 113 10.32 11.21 5.89
N PHE B 114 10.47 10.99 7.20
CA PHE B 114 10.59 9.65 7.77
C PHE B 114 9.24 8.98 8.00
N PHE B 115 8.17 9.76 8.20
CA PHE B 115 6.84 9.20 7.97
C PHE B 115 6.70 8.72 6.54
N PHE B 116 7.05 9.57 5.58
CA PHE B 116 6.95 9.22 4.16
C PHE B 116 7.73 7.96 3.84
N ALA B 117 8.99 7.88 4.29
CA ALA B 117 9.81 6.70 4.04
C ALA B 117 9.17 5.46 4.65
N GLY B 118 8.59 5.59 5.85
CA GLY B 118 7.87 4.49 6.44
C GLY B 118 6.70 4.00 5.60
N THR B 119 6.04 4.92 4.90
CA THR B 119 4.95 4.53 4.03
C THR B 119 5.46 3.74 2.82
N VAL B 120 6.58 4.17 2.25
CA VAL B 120 7.04 3.61 0.98
C VAL B 120 7.55 2.19 1.15
N ILE B 121 8.27 1.91 2.24
CA ILE B 121 8.80 0.56 2.43
C ILE B 121 7.70 -0.39 2.89
N THR B 122 6.74 0.08 3.68
CA THR B 122 5.59 -0.73 4.03
C THR B 122 4.59 -0.84 2.89
N THR B 123 4.77 -0.06 1.82
CA THR B 123 3.87 0.05 0.69
C THR B 123 2.48 0.52 1.10
N ILE B 124 2.32 1.04 2.32
CA ILE B 124 1.08 1.71 2.69
C ILE B 124 0.86 2.92 1.79
N GLY B 125 1.82 3.83 1.78
CA GLY B 125 1.85 4.95 0.86
C GLY B 125 0.56 5.73 0.76
N PHE B 126 0.18 6.42 1.84
CA PHE B 126 -1.06 7.19 1.85
C PHE B 126 -1.22 8.11 0.63
N GLY B 127 -0.12 8.59 0.06
CA GLY B 127 -0.24 9.55 -1.01
C GLY B 127 -0.70 10.92 -0.57
N ASN B 128 -0.86 11.13 0.74
CA ASN B 128 -1.08 12.46 1.28
C ASN B 128 0.02 13.43 0.83
N ILE B 129 1.26 12.96 0.79
CA ILE B 129 2.39 13.73 0.29
C ILE B 129 3.22 12.83 -0.61
N SER B 130 3.54 13.31 -1.81
CA SER B 130 4.37 12.58 -2.76
C SER B 130 5.48 13.48 -3.27
N PRO B 131 6.62 12.92 -3.64
CA PRO B 131 7.77 13.76 -4.03
C PRO B 131 7.55 14.42 -5.39
N ARG B 132 7.89 15.71 -5.47
CA ARG B 132 7.77 16.48 -6.69
C ARG B 132 9.09 16.60 -7.44
N THR B 133 10.21 16.58 -6.73
CA THR B 133 11.52 16.66 -7.35
C THR B 133 11.79 15.38 -8.14
N GLU B 134 12.46 15.53 -9.29
CA GLU B 134 12.85 14.36 -10.07
C GLU B 134 13.98 13.58 -9.40
N GLY B 135 14.78 14.23 -8.56
CA GLY B 135 15.73 13.49 -7.75
C GLY B 135 15.05 12.69 -6.66
N GLY B 136 13.99 13.24 -6.08
CA GLY B 136 13.20 12.51 -5.10
C GLY B 136 12.43 11.35 -5.68
N LYS B 137 12.10 11.41 -6.97
CA LYS B 137 11.44 10.29 -7.63
C LYS B 137 12.42 9.17 -7.93
N ILE B 138 13.60 9.52 -8.46
CA ILE B 138 14.60 8.51 -8.79
C ILE B 138 15.18 7.90 -7.52
N PHE B 139 15.23 8.66 -6.43
CA PHE B 139 15.60 8.09 -5.15
C PHE B 139 14.50 7.18 -4.61
N CYS B 140 13.25 7.64 -4.69
CA CYS B 140 12.14 6.88 -4.14
C CYS B 140 12.00 5.52 -4.84
N ILE B 141 12.17 5.49 -6.16
CA ILE B 141 12.15 4.22 -6.90
C ILE B 141 13.15 3.24 -6.30
N ILE B 142 14.41 3.66 -6.23
CA ILE B 142 15.44 2.79 -5.67
C ILE B 142 15.20 2.55 -4.19
N TYR B 143 14.71 3.57 -3.48
CA TYR B 143 14.47 3.43 -2.04
C TYR B 143 13.37 2.41 -1.76
N ALA B 144 12.37 2.34 -2.65
CA ALA B 144 11.34 1.32 -2.52
C ALA B 144 11.85 -0.04 -2.93
N LEU B 145 12.48 -0.12 -4.11
CA LEU B 145 12.98 -1.41 -4.60
C LEU B 145 13.95 -2.06 -3.63
N LEU B 146 14.63 -1.25 -2.80
CA LEU B 146 15.47 -1.80 -1.75
C LEU B 146 14.75 -1.89 -0.40
N GLY B 147 13.94 -0.89 -0.08
CA GLY B 147 13.30 -0.85 1.23
C GLY B 147 12.18 -1.86 1.40
N ILE B 148 11.41 -2.11 0.33
CA ILE B 148 10.30 -3.06 0.43
C ILE B 148 10.79 -4.46 0.77
N PRO B 149 11.78 -5.04 0.08
CA PRO B 149 12.30 -6.33 0.54
C PRO B 149 12.95 -6.26 1.91
N LEU B 150 13.73 -5.20 2.15
CA LEU B 150 14.32 -4.97 3.47
C LEU B 150 13.28 -5.02 4.57
N PHE B 151 12.24 -4.18 4.45
CA PHE B 151 11.20 -4.17 5.47
C PHE B 151 10.52 -5.53 5.59
N GLY B 152 10.45 -6.29 4.50
CA GLY B 152 9.84 -7.61 4.54
C GLY B 152 10.49 -8.53 5.57
N PHE B 153 11.82 -8.53 5.61
CA PHE B 153 12.51 -9.42 6.54
C PHE B 153 12.33 -8.98 7.99
N LEU B 154 12.24 -7.66 8.22
CA LEU B 154 11.84 -7.18 9.54
C LEU B 154 10.44 -7.68 9.89
N LEU B 155 9.48 -7.46 8.99
CA LEU B 155 8.11 -7.86 9.25
C LEU B 155 7.99 -9.38 9.44
N ALA B 156 8.76 -10.14 8.66
CA ALA B 156 8.78 -11.59 8.82
C ALA B 156 9.31 -11.98 10.19
N GLY B 157 10.43 -11.36 10.60
CA GLY B 157 10.97 -11.64 11.92
C GLY B 157 10.05 -11.21 13.04
N VAL B 158 9.42 -10.04 12.88
CA VAL B 158 8.43 -9.60 13.85
C VAL B 158 7.24 -10.56 13.88
N GLY B 159 6.88 -11.11 12.72
CA GLY B 159 5.84 -12.13 12.69
C GLY B 159 6.23 -13.40 13.42
N ASP B 160 7.47 -13.84 13.22
CA ASP B 160 7.97 -15.01 13.95
C ASP B 160 8.19 -14.70 15.42
N GLN B 161 8.70 -13.49 15.72
CA GLN B 161 8.86 -13.08 17.10
C GLN B 161 7.51 -13.05 17.81
N LEU B 162 6.50 -12.48 17.16
CA LEU B 162 5.16 -12.43 17.71
C LEU B 162 4.45 -13.78 17.65
N GLY B 163 4.87 -14.66 16.74
CA GLY B 163 4.29 -15.99 16.67
C GLY B 163 4.74 -16.91 17.77
N THR B 164 5.97 -16.71 18.28
CA THR B 164 6.43 -17.46 19.43
C THR B 164 5.91 -16.86 20.73
N ILE B 165 5.75 -15.54 20.79
CA ILE B 165 5.06 -14.92 21.92
C ILE B 165 3.65 -15.45 22.03
N PHE B 166 2.93 -15.53 20.90
CA PHE B 166 1.64 -16.20 20.88
C PHE B 166 1.77 -17.69 21.16
N GLY B 167 2.90 -18.30 20.77
CA GLY B 167 3.13 -19.70 21.08
C GLY B 167 3.36 -19.94 22.56
N LYS B 168 3.92 -18.95 23.26
CA LYS B 168 4.09 -19.07 24.72
C LYS B 168 2.75 -18.98 25.43
N GLY B 169 1.94 -17.98 25.09
CA GLY B 169 0.68 -17.78 25.78
C GLY B 169 -0.32 -18.90 25.56
N ILE B 170 -0.28 -19.54 24.39
CA ILE B 170 -1.24 -20.60 24.13
C ILE B 170 -0.86 -21.88 24.90
N ALA B 171 0.43 -22.10 25.16
CA ALA B 171 0.84 -23.30 25.87
C ALA B 171 0.28 -23.31 27.28
N LYS B 172 0.20 -22.15 27.94
CA LYS B 172 -0.41 -22.09 29.26
C LYS B 172 -1.92 -22.21 29.18
N VAL B 173 -2.53 -21.66 28.12
CA VAL B 173 -3.97 -21.82 27.95
C VAL B 173 -4.32 -23.26 27.59
N GLU B 174 -3.43 -23.95 26.88
CA GLU B 174 -3.65 -25.34 26.48
C GLU B 174 -3.45 -26.34 27.62
N ASP B 175 -3.18 -25.88 28.84
CA ASP B 175 -3.19 -26.74 30.02
C ASP B 175 -4.24 -26.36 31.04
N THR B 176 -4.84 -25.16 30.96
CA THR B 176 -5.75 -24.72 32.00
C THR B 176 -7.07 -25.50 31.98
N PHE B 177 -7.57 -25.90 30.81
CA PHE B 177 -8.83 -26.64 30.71
C PHE B 177 -8.64 -27.98 29.96
N ILE B 178 -7.61 -28.75 30.34
CA ILE B 178 -7.48 -30.12 29.79
C ILE B 178 -8.50 -31.01 30.51
N LYS B 179 -9.63 -31.24 29.86
CA LYS B 179 -10.60 -32.21 30.31
C LYS B 179 -10.35 -33.55 29.61
N TRP B 180 -11.15 -34.56 29.98
CA TRP B 180 -11.09 -35.87 29.34
C TRP B 180 -11.21 -35.78 27.82
N ASN B 181 -10.15 -36.23 27.14
CA ASN B 181 -10.07 -36.28 25.69
C ASN B 181 -10.61 -34.99 25.05
N VAL B 182 -10.00 -33.87 25.44
CA VAL B 182 -10.22 -32.63 24.72
C VAL B 182 -9.70 -32.84 23.30
N SER B 183 -10.61 -32.86 22.34
CA SER B 183 -10.30 -33.36 21.01
C SER B 183 -9.25 -32.50 20.33
N GLN B 184 -8.17 -33.15 19.89
CA GLN B 184 -7.01 -32.45 19.37
C GLN B 184 -7.37 -31.59 18.16
N THR B 185 -8.15 -32.16 17.24
CA THR B 185 -8.56 -31.41 16.05
C THR B 185 -9.37 -30.17 16.39
N LYS B 186 -10.11 -30.20 17.50
CA LYS B 186 -11.02 -29.12 17.85
C LYS B 186 -10.41 -28.11 18.81
N ILE B 187 -9.38 -28.49 19.57
CA ILE B 187 -8.65 -27.53 20.38
C ILE B 187 -8.07 -26.43 19.50
N ARG B 188 -7.65 -26.79 18.29
CA ARG B 188 -7.03 -25.83 17.39
C ARG B 188 -7.99 -24.71 17.01
N ILE B 189 -9.30 -24.95 17.15
CA ILE B 189 -10.27 -23.90 16.89
C ILE B 189 -10.36 -22.94 18.07
N ILE B 190 -10.37 -23.46 19.30
CA ILE B 190 -10.37 -22.59 20.48
C ILE B 190 -9.12 -21.70 20.47
N SER B 191 -8.00 -22.23 19.98
CA SER B 191 -6.77 -21.43 19.93
C SER B 191 -6.89 -20.30 18.92
N THR B 192 -7.47 -20.57 17.75
CA THR B 192 -7.63 -19.52 16.75
C THR B 192 -8.77 -18.56 17.09
N ILE B 193 -9.66 -18.94 18.01
CA ILE B 193 -10.65 -17.98 18.50
C ILE B 193 -10.02 -17.00 19.46
N ILE B 194 -9.15 -17.50 20.35
CA ILE B 194 -8.50 -16.61 21.31
C ILE B 194 -7.48 -15.73 20.61
N PHE B 195 -6.97 -16.16 19.45
CA PHE B 195 -6.11 -15.32 18.63
C PHE B 195 -6.87 -14.10 18.13
N ILE B 196 -7.96 -14.34 17.39
CA ILE B 196 -8.79 -13.25 16.88
C ILE B 196 -9.31 -12.39 18.02
N LEU B 197 -9.59 -13.02 19.17
CA LEU B 197 -10.12 -12.29 20.32
C LEU B 197 -9.11 -11.29 20.86
N PHE B 198 -7.95 -11.78 21.29
CA PHE B 198 -6.87 -10.87 21.69
C PHE B 198 -6.49 -9.93 20.56
N GLY B 199 -6.15 -10.48 19.39
CA GLY B 199 -5.54 -9.68 18.34
C GLY B 199 -6.40 -8.49 17.92
N CYS B 200 -7.70 -8.71 17.75
CA CYS B 200 -8.60 -7.63 17.39
C CYS B 200 -8.99 -6.76 18.57
N VAL B 201 -8.32 -6.92 19.70
CA VAL B 201 -8.34 -5.94 20.79
C VAL B 201 -7.03 -5.16 20.84
N LEU B 202 -5.90 -5.87 20.77
CA LEU B 202 -4.59 -5.24 20.91
C LEU B 202 -4.22 -4.42 19.69
N PHE B 203 -4.63 -4.84 18.49
CA PHE B 203 -4.20 -4.17 17.28
C PHE B 203 -5.34 -3.50 16.53
N VAL B 204 -6.59 -3.80 16.89
CA VAL B 204 -7.75 -3.15 16.30
C VAL B 204 -8.45 -2.23 17.31
N ALA B 205 -8.89 -2.79 18.45
CA ALA B 205 -9.75 -2.03 19.34
C ALA B 205 -8.96 -1.00 20.14
N LEU B 206 -8.02 -1.45 20.96
CA LEU B 206 -7.31 -0.54 21.86
C LEU B 206 -6.59 0.60 21.13
N PRO B 207 -5.83 0.37 20.05
CA PRO B 207 -5.21 1.52 19.38
C PRO B 207 -6.20 2.41 18.65
N ALA B 208 -7.33 1.87 18.19
CA ALA B 208 -8.31 2.70 17.49
C ALA B 208 -8.94 3.72 18.43
N VAL B 209 -9.21 3.34 19.68
CA VAL B 209 -9.75 4.27 20.67
C VAL B 209 -8.75 5.39 20.93
N ILE B 210 -7.45 5.13 20.73
CA ILE B 210 -6.46 6.20 20.80
C ILE B 210 -6.70 7.21 19.67
N PHE B 211 -7.17 6.75 18.52
CA PHE B 211 -7.41 7.63 17.38
C PHE B 211 -8.77 8.34 17.46
N LYS B 212 -9.51 8.14 18.55
CA LYS B 212 -10.81 8.78 18.73
C LYS B 212 -10.76 9.98 19.67
N HIS B 213 -9.92 9.93 20.70
CA HIS B 213 -9.74 11.06 21.61
C HIS B 213 -8.64 12.01 21.16
N ILE B 214 -7.62 11.49 20.47
CA ILE B 214 -6.48 12.31 20.07
C ILE B 214 -6.60 12.79 18.62
N GLU B 215 -7.39 12.12 17.79
CA GLU B 215 -7.57 12.53 16.40
C GLU B 215 -8.95 13.10 16.11
N GLY B 216 -9.99 12.60 16.76
CA GLY B 216 -11.31 13.21 16.68
C GLY B 216 -12.30 12.47 15.80
N TRP B 217 -12.20 11.15 15.73
CA TRP B 217 -13.00 10.34 14.84
C TRP B 217 -14.17 9.68 15.58
N SER B 218 -14.90 8.85 14.86
CA SER B 218 -15.97 8.04 15.41
C SER B 218 -15.44 6.64 15.73
N ALA B 219 -16.34 5.73 16.07
CA ALA B 219 -15.93 4.35 16.33
C ALA B 219 -15.59 3.62 15.04
N LEU B 220 -16.50 3.68 14.04
CA LEU B 220 -16.22 3.09 12.74
C LEU B 220 -14.98 3.69 12.10
N ASP B 221 -14.90 5.02 12.04
CA ASP B 221 -13.87 5.68 11.26
C ASP B 221 -12.47 5.36 11.77
N ALA B 222 -12.34 4.96 13.04
CA ALA B 222 -11.06 4.50 13.55
C ALA B 222 -10.77 3.07 13.09
N ILE B 223 -11.75 2.17 13.25
CA ILE B 223 -11.58 0.79 12.80
C ILE B 223 -11.38 0.74 11.29
N TYR B 224 -12.16 1.54 10.55
CA TYR B 224 -11.92 1.71 9.13
C TYR B 224 -10.49 2.17 8.87
N PHE B 225 -10.04 3.19 9.60
CA PHE B 225 -8.64 3.63 9.50
C PHE B 225 -7.67 2.48 9.76
N VAL B 226 -7.90 1.73 10.84
CA VAL B 226 -6.98 0.64 11.20
C VAL B 226 -6.89 -0.38 10.08
N VAL B 227 -8.05 -0.86 9.60
CA VAL B 227 -8.06 -1.90 8.58
C VAL B 227 -7.40 -1.39 7.29
N ILE B 228 -7.81 -0.20 6.83
CA ILE B 228 -7.22 0.38 5.62
C ILE B 228 -5.71 0.45 5.73
N THR B 229 -5.20 0.84 6.90
CA THR B 229 -3.76 1.01 7.07
C THR B 229 -3.04 -0.33 7.18
N LEU B 230 -3.55 -1.23 8.03
CA LEU B 230 -2.82 -2.46 8.31
C LEU B 230 -3.05 -3.54 7.27
N THR B 231 -4.11 -3.42 6.46
CA THR B 231 -4.22 -4.15 5.21
C THR B 231 -3.36 -3.52 4.11
N THR B 232 -2.45 -2.61 4.50
CA THR B 232 -1.56 -1.85 3.60
C THR B 232 -2.27 -1.43 2.31
N ILE B 233 -3.44 -0.80 2.49
CA ILE B 233 -4.16 -0.15 1.40
C ILE B 233 -3.88 1.35 1.39
N GLY B 234 -4.09 2.01 2.53
CA GLY B 234 -3.82 3.43 2.65
C GLY B 234 -4.87 4.32 2.02
N VAL B 239 -4.80 10.07 8.58
CA VAL B 239 -3.43 9.89 9.02
C VAL B 239 -3.32 10.21 10.52
N ALA B 240 -2.52 9.43 11.23
CA ALA B 240 -2.38 9.62 12.68
C ALA B 240 -1.47 10.81 13.00
N GLY B 241 -0.39 10.99 12.25
CA GLY B 241 0.48 12.14 12.48
C GLY B 241 -0.13 13.46 12.07
N GLY B 242 -1.13 13.43 11.19
CA GLY B 242 -1.68 14.65 10.64
C GLY B 242 -2.55 15.49 11.58
N SER B 243 -3.74 15.00 11.92
CA SER B 243 -4.65 15.80 12.72
C SER B 243 -4.19 15.85 14.17
N ASP B 244 -4.44 17.00 14.81
CA ASP B 244 -3.70 17.41 16.00
C ASP B 244 -4.68 18.00 17.02
N ILE B 245 -4.88 17.30 18.14
CA ILE B 245 -5.75 17.82 19.20
C ILE B 245 -4.93 18.31 20.40
N GLU B 246 -4.24 17.39 21.09
CA GLU B 246 -3.41 17.80 22.22
C GLU B 246 -2.01 18.17 21.74
N ASP B 249 5.42 14.84 20.99
CA ASP B 249 6.30 14.00 20.18
C ASP B 249 6.56 12.69 20.94
N PHE B 250 5.64 12.36 21.85
CA PHE B 250 5.51 11.02 22.41
C PHE B 250 4.60 10.15 21.57
N TYR B 251 3.93 10.75 20.58
CA TYR B 251 2.78 10.17 19.92
C TYR B 251 3.10 9.58 18.55
N LYS B 252 4.09 10.13 17.84
CA LYS B 252 4.48 9.64 16.52
C LYS B 252 5.44 8.44 16.54
N PRO B 253 6.46 8.40 17.41
CA PRO B 253 7.33 7.21 17.41
C PRO B 253 6.62 5.92 17.81
N VAL B 254 5.63 5.99 18.70
CA VAL B 254 4.98 4.78 19.18
C VAL B 254 4.03 4.20 18.13
N VAL B 255 3.42 5.06 17.30
CA VAL B 255 2.46 4.57 16.31
C VAL B 255 3.15 3.70 15.27
N TRP B 256 4.36 4.07 14.83
CA TRP B 256 5.09 3.21 13.91
C TRP B 256 5.56 1.90 14.54
N PHE B 257 5.39 1.71 15.84
CA PHE B 257 5.60 0.38 16.38
C PHE B 257 4.32 -0.45 16.30
N TRP B 258 3.18 0.16 16.62
N TRP B 258 3.17 0.15 16.60
CA TRP B 258 1.89 -0.52 16.47
CA TRP B 258 1.92 -0.59 16.47
C TRP B 258 1.66 -0.93 15.01
C TRP B 258 1.61 -0.91 15.01
N ILE B 259 2.10 -0.08 14.08
CA ILE B 259 2.00 -0.44 12.66
C ILE B 259 2.83 -1.69 12.37
N LEU B 260 4.09 -1.68 12.79
CA LEU B 260 4.98 -2.82 12.54
C LEU B 260 4.39 -4.12 13.05
N VAL B 261 3.86 -4.11 14.28
CA VAL B 261 3.34 -5.34 14.84
C VAL B 261 1.93 -5.61 14.31
N GLY B 262 1.15 -4.56 14.08
CA GLY B 262 -0.16 -4.72 13.49
C GLY B 262 -0.11 -5.21 12.06
N LEU B 263 0.88 -4.75 11.29
CA LEU B 263 1.09 -5.31 9.96
C LEU B 263 1.44 -6.78 10.03
N ALA B 264 2.28 -7.16 10.99
CA ALA B 264 2.54 -8.58 11.23
C ALA B 264 1.27 -9.31 11.64
N TYR B 265 0.35 -8.60 12.29
CA TYR B 265 -0.89 -9.25 12.73
C TYR B 265 -1.82 -9.52 11.56
N PHE B 266 -2.18 -8.49 10.79
CA PHE B 266 -3.07 -8.73 9.64
C PHE B 266 -2.42 -9.63 8.61
N ALA B 267 -1.09 -9.62 8.50
CA ALA B 267 -0.41 -10.56 7.62
C ALA B 267 -0.82 -11.99 7.94
N ALA B 268 -0.92 -12.33 9.22
CA ALA B 268 -1.43 -13.64 9.62
C ALA B 268 -2.95 -13.70 9.46
N VAL B 269 -3.65 -12.60 9.77
CA VAL B 269 -5.11 -12.58 9.64
C VAL B 269 -5.51 -12.79 8.19
N LEU B 270 -4.89 -12.04 7.27
CA LEU B 270 -5.19 -12.22 5.85
C LEU B 270 -4.78 -13.61 5.37
N SER B 271 -3.76 -14.21 5.99
CA SER B 271 -3.33 -15.55 5.59
C SER B 271 -4.28 -16.61 6.10
N MET B 272 -4.81 -16.46 7.31
CA MET B 272 -5.81 -17.41 7.81
C MET B 272 -7.06 -17.37 6.94
N ILE B 273 -7.53 -16.16 6.61
CA ILE B 273 -8.68 -16.02 5.72
C ILE B 273 -8.40 -16.70 4.39
N GLY B 274 -7.16 -16.63 3.91
CA GLY B 274 -6.77 -17.39 2.74
C GLY B 274 -6.93 -18.89 2.95
N ASP B 275 -6.55 -19.39 4.13
CA ASP B 275 -6.76 -20.80 4.44
C ASP B 275 -8.25 -21.13 4.51
N TRP B 276 -9.05 -20.23 5.07
CA TRP B 276 -10.50 -20.43 5.06
C TRP B 276 -11.03 -20.52 3.63
N LEU B 277 -10.41 -19.80 2.70
CA LEU B 277 -10.90 -19.77 1.33
C LEU B 277 -10.47 -21.00 0.53
N ARG B 278 -9.34 -21.63 0.89
CA ARG B 278 -9.03 -22.95 0.35
C ARG B 278 -10.09 -23.95 0.76
N VAL B 279 -10.38 -24.03 2.06
CA VAL B 279 -11.38 -24.97 2.58
C VAL B 279 -12.71 -24.77 1.86
N ILE B 280 -13.23 -23.54 1.89
CA ILE B 280 -14.53 -23.27 1.30
C ILE B 280 -14.49 -23.40 -0.22
N ALA B 281 -13.30 -23.39 -0.82
CA ALA B 281 -13.21 -23.67 -2.25
C ALA B 281 -13.40 -25.16 -2.53
N LYS B 282 -12.67 -26.02 -1.80
CA LYS B 282 -12.76 -27.46 -2.05
C LYS B 282 -14.06 -28.06 -1.54
N LYS B 283 -14.61 -27.52 -0.44
CA LYS B 283 -15.89 -28.02 0.04
C LYS B 283 -17.01 -27.73 -0.96
N THR B 284 -17.00 -26.53 -1.54
CA THR B 284 -17.96 -26.22 -2.58
C THR B 284 -17.61 -26.89 -3.91
N LYS B 285 -16.34 -27.23 -4.13
CA LYS B 285 -15.96 -27.87 -5.38
C LYS B 285 -16.39 -29.32 -5.41
N GLU B 286 -16.28 -30.02 -4.27
CA GLU B 286 -16.79 -31.37 -4.17
C GLU B 286 -18.31 -31.40 -4.05
N ALA B 287 -18.91 -30.35 -3.49
CA ALA B 287 -20.36 -30.33 -3.31
C ALA B 287 -21.08 -30.27 -4.65
N VAL B 288 -20.67 -29.34 -5.52
CA VAL B 288 -21.21 -29.29 -6.88
C VAL B 288 -20.90 -30.59 -7.60
N GLY B 289 -19.78 -31.24 -7.25
CA GLY B 289 -19.45 -32.52 -7.85
C GLY B 289 -20.54 -33.57 -7.66
N GLU B 290 -21.07 -33.66 -6.44
CA GLU B 290 -22.11 -34.67 -6.18
C GLU B 290 -23.46 -34.28 -6.76
N PHE B 291 -23.84 -33.00 -6.65
CA PHE B 291 -25.08 -32.52 -7.25
C PHE B 291 -25.08 -32.61 -8.77
N ARG B 292 -23.93 -32.43 -9.43
CA ARG B 292 -23.96 -32.73 -10.86
C ARG B 292 -23.90 -34.23 -11.14
N ALA B 293 -23.66 -35.05 -10.11
CA ALA B 293 -23.69 -36.50 -10.31
C ALA B 293 -25.11 -37.04 -10.24
N HIS B 294 -25.87 -36.67 -9.19
CA HIS B 294 -27.08 -37.40 -8.85
C HIS B 294 -28.31 -36.92 -9.61
N ALA B 295 -28.46 -35.62 -9.82
CA ALA B 295 -29.57 -35.04 -10.57
C ALA B 295 -30.92 -35.42 -9.97
N ALA B 296 -31.03 -35.31 -8.64
CA ALA B 296 -32.26 -35.61 -7.91
C ALA B 296 -32.69 -37.06 -8.12
N GLU B 297 -31.79 -37.98 -7.79
CA GLU B 297 -32.02 -39.42 -7.90
C GLU B 297 -32.41 -39.83 -9.32
C1 OCT C . 21.48 -1.50 0.34
C2 OCT C . 22.45 -2.42 1.07
C3 OCT C . 21.77 -2.97 2.33
C4 OCT C . 22.72 -3.90 3.07
C5 OCT C . 22.07 -4.36 4.37
C6 OCT C . 23.06 -5.22 5.17
C7 OCT C . 22.31 -5.87 6.34
C8 OCT C . 23.31 -6.47 7.32
C1 OCT D . -15.37 -11.59 8.09
C2 OCT D . -15.18 -10.11 8.35
C3 OCT D . -16.26 -9.60 9.29
C4 OCT D . -15.88 -8.21 9.80
C5 OCT D . -17.07 -7.60 10.56
C6 OCT D . -16.85 -6.09 10.69
C7 OCT D . -17.62 -5.58 11.91
C8 OCT D . -17.82 -4.07 11.79
C1 OCT E . 14.23 -17.85 8.01
C2 OCT E . 15.09 -16.70 7.50
C3 OCT E . 16.56 -17.12 7.49
C4 OCT E . 17.44 -15.88 7.63
C5 OCT E . 18.91 -16.29 7.58
C6 OCT E . 19.50 -16.26 8.99
C7 OCT E . 20.72 -17.17 9.04
C8 OCT E . 21.66 -16.71 10.16
C1 D12 F . 25.27 3.54 3.62
C2 D12 F . 24.82 2.08 3.58
C3 D12 F . 23.44 1.94 4.22
C4 D12 F . 23.20 0.50 4.64
C5 D12 F . 23.22 0.40 6.17
C6 D12 F . 24.63 0.04 6.64
C7 D12 F . 24.90 -1.44 6.38
C8 D12 F . 25.73 -2.02 7.52
C9 D12 F . 24.88 -2.15 8.78
C10 D12 F . 25.63 -2.96 9.83
C11 D12 F . 25.47 -4.46 9.53
C12 D12 F . 26.23 -5.28 10.58
CD CD G . -2.70 10.83 -28.26
CD CD H . -0.31 9.08 -28.72
K K I . -0.96 0.97 -0.89
K K J . 0.11 -2.43 -0.61
OH2 1PE K . 3.87 8.17 -30.24
C12 1PE K . 3.31 6.94 -29.87
C22 1PE K . 2.39 6.43 -30.98
OH3 1PE K . 3.09 5.55 -31.81
C13 1PE K . 2.91 3.29 -31.06
C23 1PE K . 2.42 4.35 -32.05
OH4 1PE K . 2.12 3.33 -29.90
C14 1PE K . 0.54 1.61 -29.51
C24 1PE K . 1.97 2.09 -29.28
OH5 1PE K . 0.55 0.23 -29.69
C15 1PE K . -0.79 -1.71 -30.08
C25 1PE K . -0.63 -0.41 -29.29
OH6 1PE K . -0.25 -2.77 -29.35
C16 1PE K . 0.10 -5.12 -29.07
C26 1PE K . -0.77 -4.02 -29.67
OH7 1PE K . -0.61 -6.32 -29.01
C1 OCT L . -19.32 -21.00 -7.72
C2 OCT L . -19.49 -19.49 -7.61
C3 OCT L . -19.66 -19.10 -6.14
C4 OCT L . -19.01 -17.75 -5.91
C5 OCT L . -19.70 -17.03 -4.75
C6 OCT L . -19.51 -15.52 -4.94
C7 OCT L . -19.65 -14.81 -3.60
C8 OCT L . -19.24 -13.35 -3.75
C1 OCT M . -15.04 -20.78 -4.14
C2 OCT M . -15.33 -19.31 -3.86
C3 OCT M . -15.94 -19.17 -2.46
C4 OCT M . -16.36 -17.71 -2.25
C5 OCT M . -16.49 -17.44 -0.75
C6 OCT M . -16.93 -15.99 -0.55
C7 OCT M . -18.15 -15.95 0.37
C8 OCT M . -18.99 -14.72 0.03
C1 D12 N . 16.77 4.52 -12.52
C2 D12 N . 17.80 3.77 -11.68
C3 D12 N . 17.48 2.28 -11.69
C4 D12 N . 18.39 1.55 -12.68
C5 D12 N . 18.44 0.07 -12.35
C6 D12 N . 19.62 -0.59 -13.07
C7 D12 N . 19.78 -2.02 -12.59
C8 D12 N . 21.24 -2.46 -12.74
C9 D12 N . 21.44 -3.79 -12.03
C10 D12 N . 22.94 -4.07 -11.88
C11 D12 N . 23.15 -5.07 -10.76
C12 D12 N . 24.64 -5.33 -10.59
C1 D12 O . 1.86 -14.53 29.28
C2 D12 O . 1.83 -14.04 30.73
C3 D12 O . 2.63 -12.74 30.84
C4 D12 O . 2.18 -11.98 32.10
C5 D12 O . 2.81 -10.58 32.10
C6 D12 O . 2.08 -9.70 33.11
C7 D12 O . 1.62 -8.41 32.43
C8 D12 O . 0.82 -7.56 33.40
C9 D12 O . -0.60 -8.12 33.53
C10 D12 O . -1.36 -7.37 34.61
C11 D12 O . -2.40 -8.28 35.23
C12 D12 O . -3.08 -7.56 36.39
C1 LNK P . 19.24 11.34 -7.69
C2 LNK P . 20.62 10.75 -7.43
C3 LNK P . 20.52 9.60 -6.42
C4 LNK P . 20.82 10.13 -5.02
C5 LNK P . 21.03 8.96 -4.06
C1 LNK Q . -17.50 -12.79 10.95
C2 LNK Q . -16.58 -13.63 11.84
C3 LNK Q . -16.53 -15.08 11.34
C4 LNK Q . -15.64 -15.92 12.23
C5 LNK Q . -15.71 -17.39 11.81
CD CD R . -22.01 -38.98 -3.72
C27 R16 S . 13.00 -3.76 25.29
C28 R16 S . 12.21 -4.90 25.92
C29 R16 S . 11.20 -4.32 26.93
C30 R16 S . 10.71 -5.44 27.85
C31 R16 S . 9.34 -5.09 28.40
C32 R16 S . 8.82 -6.25 29.25
C33 R16 S . 7.31 -6.13 29.43
C34 R16 S . 6.61 -6.23 28.07
C35 R16 S . 6.85 -7.62 27.47
C36 R16 S . 7.52 -7.47 26.11
C37 R16 S . 7.59 -8.82 25.41
C38 R16 S . 8.69 -8.79 24.35
C39 R16 S . 9.96 -9.43 24.91
C40 R16 S . 10.33 -10.64 24.06
C41 R16 S . 11.09 -11.65 24.93
C42 R16 S . 12.17 -12.33 24.09
#